data_6ORT
#
_entry.id   6ORT
#
_cell.length_a   77.530
_cell.length_b   77.530
_cell.length_c   242.350
_cell.angle_alpha   90.000
_cell.angle_beta   90.000
_cell.angle_gamma   120.000
#
_symmetry.space_group_name_H-M   'P 65 2 2'
#
loop_
_entity.id
_entity.type
_entity.pdbx_description
1 polymer 'Matrix remodeling-associated protein 8'
2 non-polymer '4-(2-HYDROXYETHYL)-1-PIPERAZINE ETHANESULFONIC ACID'
3 non-polymer 'CHLORIDE ION'
4 water water
#
_entity_poly.entity_id   1
_entity_poly.type   'polypeptide(L)'
_entity_poly.pdbx_seq_one_letter_code
;SGPSGPATSDRSVVSESTVSWAAGARAVLRCQSPRMVWTQDRLHDRQRVVHWDLSGSKAGGPARRLVDMYSTGEQRVGEQ
RLGEQRVGEQRVYEPRDRGRLLLPPSAFHDGNFSLFIRAVEETDEGLYTCNLHHHYCHLYESLAVSLEVTDDPRAAGAHW
DGEKEVLAVERGAPALLTCVNRAHVWTDRHLEEAQQVVHWDRQPPGVPHDRADRLLDLYASGERRAYGPPFLRDRVAVEA
DAFARGDFSLLIDPVEPADEGTYSCHLHHHYCGLHERRVFHLRVTE
;
_entity_poly.pdbx_strand_id   A
#
loop_
_chem_comp.id
_chem_comp.type
_chem_comp.name
_chem_comp.formula
CL non-polymer 'CHLORIDE ION' 'Cl -1'
EPE non-polymer '4-(2-HYDROXYETHYL)-1-PIPERAZINE ETHANESULFONIC ACID' 'C8 H18 N2 O4 S'
#
# COMPACT_ATOMS: atom_id res chain seq x y z
N ASP A 10 -14.45 -8.61 12.90
CA ASP A 10 -13.53 -7.66 12.26
C ASP A 10 -12.08 -8.10 12.43
N ARG A 11 -11.22 -7.64 11.52
CA ARG A 11 -9.83 -8.06 11.50
C ARG A 11 -8.95 -7.08 12.27
N SER A 12 -8.04 -7.62 13.07
CA SER A 12 -7.09 -6.83 13.84
C SER A 12 -5.67 -7.27 13.53
N VAL A 13 -4.72 -6.36 13.78
CA VAL A 13 -3.30 -6.62 13.54
C VAL A 13 -2.56 -6.40 14.85
N VAL A 14 -1.97 -7.47 15.39
CA VAL A 14 -1.12 -7.39 16.56
C VAL A 14 0.32 -7.30 16.08
N SER A 15 0.93 -6.13 16.25
CA SER A 15 2.27 -5.89 15.72
C SER A 15 3.38 -6.14 16.74
N GLU A 16 3.08 -6.09 18.03
CA GLU A 16 4.05 -6.36 19.07
C GLU A 16 3.30 -6.86 20.30
N SER A 17 3.89 -7.85 20.99
CA SER A 17 3.22 -8.42 22.15
C SER A 17 4.24 -9.13 23.02
N THR A 18 3.90 -9.25 24.30
CA THR A 18 4.66 -10.01 25.29
C THR A 18 3.83 -11.22 25.69
N VAL A 19 4.35 -12.42 25.45
CA VAL A 19 3.61 -13.65 25.66
C VAL A 19 4.45 -14.60 26.52
N SER A 20 3.78 -15.35 27.40
CA SER A 20 4.43 -16.29 28.29
C SER A 20 3.90 -17.70 28.01
N TRP A 21 4.82 -18.63 27.79
CA TRP A 21 4.50 -20.04 27.64
C TRP A 21 5.28 -20.85 28.68
N ALA A 22 4.67 -21.93 29.16
CA ALA A 22 5.35 -22.81 30.09
C ALA A 22 6.38 -23.65 29.34
N ALA A 23 7.42 -24.04 30.07
CA ALA A 23 8.48 -24.86 29.48
C ALA A 23 7.91 -26.20 29.00
N GLY A 24 8.31 -26.60 27.80
CA GLY A 24 7.84 -27.84 27.21
C GLY A 24 6.55 -27.73 26.44
N ALA A 25 5.92 -26.57 26.39
CA ALA A 25 4.65 -26.40 25.71
C ALA A 25 4.88 -26.22 24.21
N ARG A 26 3.77 -26.14 23.47
CA ARG A 26 3.79 -25.94 22.01
C ARG A 26 3.41 -24.48 21.77
N ALA A 27 4.43 -23.63 21.63
CA ALA A 27 4.21 -22.20 21.48
C ALA A 27 3.93 -21.84 20.02
N VAL A 28 2.97 -20.94 19.83
CA VAL A 28 2.59 -20.45 18.51
C VAL A 28 2.69 -18.95 18.51
N LEU A 29 3.49 -18.40 17.60
CA LEU A 29 3.69 -16.97 17.46
C LEU A 29 2.98 -16.53 16.18
N ARG A 30 1.79 -15.94 16.33
CA ARG A 30 0.92 -15.66 15.20
C ARG A 30 1.52 -14.58 14.31
N CYS A 31 1.81 -14.93 13.06
CA CYS A 31 2.27 -13.98 12.04
C CYS A 31 1.45 -14.22 10.78
N GLN A 32 0.60 -13.26 10.42
CA GLN A 32 -0.31 -13.43 9.29
C GLN A 32 -0.48 -12.10 8.57
N SER A 33 -0.84 -12.19 7.29
CA SER A 33 -1.12 -11.01 6.47
C SER A 33 -1.85 -11.42 5.19
N PRO A 34 -2.98 -10.78 4.87
CA PRO A 34 -3.67 -11.08 3.62
C PRO A 34 -2.93 -10.58 2.39
N ARG A 35 -2.03 -9.61 2.55
CA ARG A 35 -1.24 -9.09 1.44
C ARG A 35 -0.02 -9.95 1.11
N MET A 36 0.20 -11.02 1.87
CA MET A 36 1.30 -11.95 1.63
C MET A 36 0.77 -13.30 1.13
N VAL A 37 -0.29 -13.26 0.32
CA VAL A 37 -0.89 -14.46 -0.25
C VAL A 37 -0.45 -14.59 -1.70
N TRP A 38 0.02 -15.78 -2.07
CA TRP A 38 0.47 -16.03 -3.43
C TRP A 38 -0.72 -16.28 -4.35
N THR A 39 -0.67 -15.68 -5.54
CA THR A 39 -1.68 -15.88 -6.56
C THR A 39 -0.99 -16.17 -7.89
N GLN A 40 -1.73 -16.84 -8.78
CA GLN A 40 -1.20 -17.17 -10.09
C GLN A 40 -1.12 -15.93 -10.98
N ASP A 41 -0.23 -16.00 -11.97
CA ASP A 41 0.02 -14.85 -12.83
C ASP A 41 -1.21 -14.44 -13.63
N ARG A 42 -2.07 -15.40 -13.96
CA ARG A 42 -3.25 -15.09 -14.76
C ARG A 42 -4.23 -14.19 -14.03
N LEU A 43 -4.12 -14.08 -12.70
CA LEU A 43 -4.99 -13.23 -11.91
C LEU A 43 -4.38 -11.86 -11.61
N HIS A 44 -3.09 -11.68 -11.87
CA HIS A 44 -2.42 -10.43 -11.56
C HIS A 44 -2.91 -9.31 -12.49
N ASP A 45 -3.51 -8.27 -11.90
CA ASP A 45 -3.95 -7.10 -12.64
C ASP A 45 -2.94 -5.98 -12.36
N ARG A 46 -1.85 -5.99 -13.12
CA ARG A 46 -0.78 -5.02 -12.93
C ARG A 46 -1.21 -3.67 -13.46
N GLN A 47 -1.91 -2.90 -12.63
CA GLN A 47 -2.55 -1.67 -13.06
C GLN A 47 -2.64 -0.69 -11.91
N ARG A 48 -2.28 0.56 -12.18
CA ARG A 48 -2.48 1.66 -11.25
C ARG A 48 -3.51 2.62 -11.83
N VAL A 49 -4.40 3.11 -10.97
CA VAL A 49 -5.46 4.02 -11.38
C VAL A 49 -5.48 5.21 -10.42
N VAL A 50 -5.55 6.41 -10.99
CA VAL A 50 -5.80 7.63 -10.23
C VAL A 50 -7.14 8.19 -10.72
N HIS A 51 -7.91 8.76 -9.79
CA HIS A 51 -9.15 9.41 -10.17
C HIS A 51 -9.46 10.51 -9.16
N TRP A 52 -10.00 11.61 -9.64
CA TRP A 52 -10.45 12.72 -8.81
C TRP A 52 -11.97 12.65 -8.68
N ASP A 53 -12.45 12.69 -7.44
CA ASP A 53 -13.88 12.70 -7.17
C ASP A 53 -14.26 14.01 -6.50
N LEU A 54 -15.54 14.37 -6.62
CA LEU A 54 -16.06 15.60 -6.04
C LEU A 54 -17.32 15.28 -5.25
N SER A 55 -17.30 15.60 -3.95
CA SER A 55 -18.49 15.55 -3.11
C SER A 55 -19.03 16.97 -3.05
N GLY A 56 -19.91 17.30 -3.99
CA GLY A 56 -20.34 18.68 -4.15
C GLY A 56 -21.15 19.18 -2.96
N SER A 57 -20.94 20.44 -2.61
CA SER A 57 -21.69 21.06 -1.52
C SER A 57 -23.04 21.58 -2.00
N LYS A 58 -23.12 22.08 -3.23
CA LYS A 58 -24.40 22.50 -3.78
C LYS A 58 -25.34 21.32 -3.97
N ALA A 59 -24.81 20.21 -4.50
CA ALA A 59 -25.62 19.00 -4.61
C ALA A 59 -25.88 18.39 -3.24
N GLY A 60 -24.84 18.27 -2.42
CA GLY A 60 -24.98 17.76 -1.07
C GLY A 60 -25.39 16.33 -0.95
N GLY A 61 -25.33 15.55 -2.03
CA GLY A 61 -25.76 14.18 -2.02
C GLY A 61 -24.76 13.23 -2.66
N PRO A 62 -24.74 13.21 -4.00
CA PRO A 62 -23.89 12.25 -4.70
C PRO A 62 -22.48 12.76 -4.94
N ALA A 63 -21.51 11.87 -4.70
CA ALA A 63 -20.10 12.16 -4.93
C ALA A 63 -19.71 11.54 -6.28
N ARG A 64 -19.52 12.40 -7.28
CA ARG A 64 -19.30 11.96 -8.65
C ARG A 64 -17.81 11.98 -8.99
N ARG A 65 -17.43 11.09 -9.90
CA ARG A 65 -16.05 11.05 -10.39
C ARG A 65 -15.90 12.04 -11.53
N LEU A 66 -14.80 12.79 -11.51
CA LEU A 66 -14.55 13.83 -12.50
C LEU A 66 -13.64 13.36 -13.63
N VAL A 67 -12.50 12.76 -13.28
CA VAL A 67 -11.50 12.37 -14.27
C VAL A 67 -10.66 11.27 -13.67
N ASP A 68 -10.25 10.31 -14.51
CA ASP A 68 -9.36 9.25 -14.08
C ASP A 68 -8.26 9.05 -15.11
N MET A 69 -7.23 8.30 -14.72
CA MET A 69 -6.12 8.01 -15.62
C MET A 69 -5.51 6.67 -15.21
N TYR A 70 -5.36 5.78 -16.19
CA TYR A 70 -4.76 4.47 -15.97
C TYR A 70 -3.28 4.51 -16.37
N SER A 71 -2.51 3.61 -15.77
CA SER A 71 -1.09 3.53 -16.06
C SER A 71 -0.78 2.55 -17.17
N THR A 72 -1.52 1.44 -17.28
CA THR A 72 -1.14 0.33 -18.14
C THR A 72 -2.32 -0.11 -19.01
N GLY A 73 -1.99 -0.65 -20.18
CA GLY A 73 -3.00 -1.21 -21.07
C GLY A 73 -2.35 -2.11 -22.10
N GLU A 74 -3.19 -2.90 -22.76
CA GLU A 74 -2.74 -3.87 -23.76
C GLU A 74 -3.13 -3.36 -25.14
N GLN A 75 -2.13 -2.87 -25.88
CA GLN A 75 -2.38 -2.31 -27.20
C GLN A 75 -2.74 -3.40 -28.19
N ARG A 76 -3.80 -3.17 -28.98
CA ARG A 76 -4.24 -4.09 -30.01
C ARG A 76 -4.51 -3.32 -31.29
N VAL A 77 -4.50 -4.05 -32.41
CA VAL A 77 -4.87 -3.51 -33.72
C VAL A 77 -5.82 -4.54 -34.34
N GLY A 78 -7.11 -4.34 -34.14
CA GLY A 78 -8.10 -5.32 -34.57
C GLY A 78 -8.21 -6.47 -33.59
N GLU A 79 -7.95 -7.68 -34.07
CA GLU A 79 -7.92 -8.87 -33.21
C GLU A 79 -6.51 -9.31 -32.86
N GLN A 80 -5.49 -8.57 -33.30
CA GLN A 80 -4.10 -8.91 -33.04
C GLN A 80 -3.64 -8.18 -31.78
N ARG A 81 -3.18 -8.94 -30.78
CA ARG A 81 -2.75 -8.39 -29.51
C ARG A 81 -1.25 -8.09 -29.59
N LEU A 82 -0.91 -6.81 -29.71
CA LEU A 82 0.47 -6.40 -29.91
C LEU A 82 1.30 -6.45 -28.63
N GLY A 83 0.66 -6.46 -27.47
CA GLY A 83 1.35 -6.50 -26.20
C GLY A 83 0.83 -5.46 -25.22
N GLU A 84 1.32 -5.57 -23.99
CA GLU A 84 0.94 -4.68 -22.91
C GLU A 84 2.15 -3.90 -22.44
N GLN A 85 2.00 -2.58 -22.31
CA GLN A 85 3.04 -1.71 -21.81
C GLN A 85 2.40 -0.48 -21.18
N ARG A 86 2.92 -0.06 -20.04
CA ARG A 86 2.33 1.04 -19.29
C ARG A 86 2.60 2.37 -20.00
N VAL A 87 1.52 3.07 -20.39
CA VAL A 87 1.63 4.34 -21.08
C VAL A 87 0.88 5.41 -20.28
N GLY A 88 -0.43 5.54 -20.54
CA GLY A 88 -1.23 6.48 -19.78
C GLY A 88 -2.11 7.37 -20.62
N GLU A 89 -3.34 7.63 -20.15
CA GLU A 89 -4.27 8.51 -20.84
C GLU A 89 -5.42 8.83 -19.88
N GLN A 90 -5.82 10.11 -19.86
CA GLN A 90 -6.82 10.60 -18.92
C GLN A 90 -8.19 10.63 -19.58
N ARG A 91 -9.24 10.50 -18.76
CA ARG A 91 -10.60 10.40 -19.24
C ARG A 91 -11.50 11.18 -18.30
N VAL A 92 -12.19 12.20 -18.82
CA VAL A 92 -13.20 12.93 -18.06
C VAL A 92 -14.54 12.21 -18.21
N TYR A 93 -15.39 12.32 -17.20
CA TYR A 93 -16.64 11.58 -17.19
C TYR A 93 -17.82 12.38 -17.72
N GLU A 94 -17.69 13.71 -17.80
CA GLU A 94 -18.68 14.52 -18.48
C GLU A 94 -18.07 15.09 -19.75
N PRO A 95 -18.71 14.90 -20.91
CA PRO A 95 -18.15 15.43 -22.17
C PRO A 95 -17.92 16.93 -22.13
N ARG A 96 -18.48 17.63 -21.15
CA ARG A 96 -18.33 19.07 -21.07
C ARG A 96 -17.02 19.47 -20.39
N ASP A 97 -16.47 18.60 -19.55
CA ASP A 97 -15.20 18.87 -18.88
C ASP A 97 -13.99 18.58 -19.76
N ARG A 98 -14.19 18.11 -20.98
CA ARG A 98 -13.08 17.83 -21.88
C ARG A 98 -12.37 19.14 -22.24
N GLY A 99 -11.08 19.23 -21.91
CA GLY A 99 -10.33 20.45 -22.09
C GLY A 99 -10.36 21.39 -20.90
N ARG A 100 -11.22 21.14 -19.92
CA ARG A 100 -11.33 21.95 -18.71
C ARG A 100 -10.60 21.33 -17.53
N LEU A 101 -10.62 20.00 -17.41
CA LEU A 101 -9.94 19.27 -16.36
C LEU A 101 -8.76 18.53 -16.97
N LEU A 102 -7.56 18.78 -16.44
CA LEU A 102 -6.34 18.19 -16.97
C LEU A 102 -5.48 17.66 -15.84
N LEU A 103 -4.90 16.50 -16.06
CA LEU A 103 -3.85 15.94 -15.23
C LEU A 103 -2.51 16.14 -15.91
N PRO A 104 -1.41 16.11 -15.16
CA PRO A 104 -0.09 16.24 -15.80
C PRO A 104 0.18 15.08 -16.73
N PRO A 105 0.78 15.33 -17.89
CA PRO A 105 1.11 14.23 -18.80
C PRO A 105 2.11 13.28 -18.16
N SER A 106 1.95 11.99 -18.44
CA SER A 106 2.75 10.94 -17.82
C SER A 106 2.78 11.11 -16.30
N ALA A 107 1.58 11.21 -15.72
CA ALA A 107 1.46 11.48 -14.29
C ALA A 107 2.13 10.40 -13.45
N PHE A 108 2.03 9.14 -13.89
CA PHE A 108 2.62 8.04 -13.14
C PHE A 108 4.13 7.95 -13.31
N HIS A 109 4.73 8.77 -14.16
CA HIS A 109 6.19 8.73 -14.31
C HIS A 109 6.88 9.27 -13.06
N ASP A 110 6.36 10.35 -12.48
CA ASP A 110 6.97 10.97 -11.31
C ASP A 110 6.00 11.09 -10.13
N GLY A 111 4.76 10.63 -10.27
CA GLY A 111 3.83 10.70 -9.17
C GLY A 111 3.15 12.03 -8.96
N ASN A 112 3.01 12.83 -10.02
CA ASN A 112 2.33 14.13 -9.95
C ASN A 112 0.94 13.96 -10.53
N PHE A 113 -0.07 13.91 -9.66
CA PHE A 113 -1.45 13.71 -10.07
C PHE A 113 -2.30 14.96 -9.87
N SER A 114 -1.67 16.14 -9.86
CA SER A 114 -2.37 17.38 -9.54
C SER A 114 -3.44 17.69 -10.60
N LEU A 115 -4.61 18.09 -10.13
CA LEU A 115 -5.72 18.41 -11.02
C LEU A 115 -5.68 19.87 -11.41
N PHE A 116 -5.71 20.14 -12.71
CA PHE A 116 -5.77 21.50 -13.25
C PHE A 116 -7.19 21.75 -13.76
N ILE A 117 -7.83 22.79 -13.23
CA ILE A 117 -9.15 23.22 -13.69
C ILE A 117 -8.93 24.52 -14.47
N ARG A 118 -9.20 24.49 -15.77
CA ARG A 118 -8.88 25.62 -16.62
C ARG A 118 -9.68 26.87 -16.25
N ALA A 119 -10.95 26.68 -15.89
CA ALA A 119 -11.80 27.80 -15.47
C ALA A 119 -12.85 27.25 -14.52
N VAL A 120 -12.78 27.65 -13.25
CA VAL A 120 -13.69 27.10 -12.26
C VAL A 120 -15.09 27.66 -12.45
N GLU A 121 -16.10 26.85 -12.09
CA GLU A 121 -17.49 27.23 -12.16
C GLU A 121 -18.13 27.09 -10.79
N GLU A 122 -19.38 27.55 -10.69
CA GLU A 122 -20.10 27.43 -9.43
C GLU A 122 -20.28 25.97 -9.03
N THR A 123 -20.46 25.08 -10.00
CA THR A 123 -20.63 23.66 -9.72
C THR A 123 -19.31 22.96 -9.40
N ASP A 124 -18.17 23.65 -9.52
CA ASP A 124 -16.90 23.08 -9.12
C ASP A 124 -16.63 23.19 -7.64
N GLU A 125 -17.49 23.88 -6.89
CA GLU A 125 -17.28 24.05 -5.46
C GLU A 125 -17.59 22.75 -4.73
N GLY A 126 -16.77 22.42 -3.75
CA GLY A 126 -16.96 21.23 -2.96
C GLY A 126 -15.63 20.66 -2.51
N LEU A 127 -15.70 19.44 -1.98
CA LEU A 127 -14.53 18.75 -1.46
C LEU A 127 -14.04 17.73 -2.49
N TYR A 128 -12.81 17.92 -2.95
CA TYR A 128 -12.20 17.03 -3.93
C TYR A 128 -11.39 15.95 -3.23
N THR A 129 -11.29 14.79 -3.86
CA THR A 129 -10.47 13.69 -3.37
C THR A 129 -9.62 13.15 -4.50
N CYS A 130 -8.32 13.05 -4.26
CA CYS A 130 -7.38 12.44 -5.20
C CYS A 130 -7.12 11.02 -4.72
N ASN A 131 -7.58 10.04 -5.50
CA ASN A 131 -7.58 8.65 -5.08
C ASN A 131 -6.66 7.83 -5.95
N LEU A 132 -5.78 7.05 -5.32
CA LEU A 132 -4.84 6.16 -6.01
C LEU A 132 -5.22 4.72 -5.71
N HIS A 133 -5.28 3.89 -6.77
CA HIS A 133 -5.61 2.48 -6.64
C HIS A 133 -4.54 1.66 -7.34
N HIS A 134 -4.02 0.65 -6.64
CA HIS A 134 -3.08 -0.30 -7.21
C HIS A 134 -3.74 -1.68 -7.21
N HIS A 135 -4.10 -2.16 -8.40
CA HIS A 135 -4.85 -3.41 -8.51
C HIS A 135 -3.99 -4.64 -8.23
N TYR A 136 -2.68 -4.54 -8.40
CA TYR A 136 -1.80 -5.67 -8.10
C TYR A 136 -1.42 -5.71 -6.63
N CYS A 137 -1.01 -4.57 -6.07
CA CYS A 137 -0.60 -4.50 -4.68
C CYS A 137 -1.78 -4.30 -3.73
N HIS A 138 -2.98 -4.05 -4.25
CA HIS A 138 -4.16 -3.83 -3.43
C HIS A 138 -3.94 -2.69 -2.44
N LEU A 139 -3.54 -1.54 -2.97
CA LEU A 139 -3.29 -0.34 -2.17
C LEU A 139 -4.31 0.73 -2.53
N TYR A 140 -4.71 1.50 -1.52
CA TYR A 140 -5.64 2.61 -1.72
C TYR A 140 -5.16 3.80 -0.91
N GLU A 141 -4.87 4.90 -1.58
CA GLU A 141 -4.39 6.13 -0.95
C GLU A 141 -5.23 7.29 -1.46
N SER A 142 -5.56 8.22 -0.57
CA SER A 142 -6.39 9.35 -0.95
C SER A 142 -6.04 10.55 -0.10
N LEU A 143 -6.14 11.73 -0.71
CA LEU A 143 -6.03 13.00 -0.01
C LEU A 143 -7.19 13.89 -0.44
N ALA A 144 -7.51 14.86 0.41
CA ALA A 144 -8.65 15.76 0.17
C ALA A 144 -8.14 17.17 -0.11
N VAL A 145 -8.90 17.88 -0.96
CA VAL A 145 -8.64 19.28 -1.28
C VAL A 145 -9.97 20.02 -1.28
N SER A 146 -10.04 21.11 -0.53
CA SER A 146 -11.25 21.93 -0.47
C SER A 146 -11.15 23.07 -1.49
N LEU A 147 -12.25 23.30 -2.21
CA LEU A 147 -12.30 24.33 -3.24
C LEU A 147 -13.51 25.22 -2.99
N GLU A 148 -13.27 26.53 -2.91
CA GLU A 148 -14.32 27.52 -2.77
C GLU A 148 -14.23 28.49 -3.94
N VAL A 149 -15.36 28.80 -4.55
CA VAL A 149 -15.43 29.74 -5.67
C VAL A 149 -15.96 31.06 -5.13
N THR A 150 -15.18 32.12 -5.30
CA THR A 150 -15.52 33.44 -4.82
C THR A 150 -15.52 34.44 -5.96
N ASP A 151 -16.27 35.53 -5.78
CA ASP A 151 -16.29 36.62 -6.75
C ASP A 151 -15.36 37.76 -6.35
N ASP A 152 -14.84 37.77 -5.13
CA ASP A 152 -13.91 38.80 -4.69
C ASP A 152 -12.49 38.32 -4.98
N PRO A 153 -11.76 38.97 -5.89
CA PRO A 153 -10.37 38.52 -6.16
C PRO A 153 -9.44 38.72 -4.99
N ARG A 154 -9.74 39.64 -4.07
CA ARG A 154 -8.90 39.83 -2.89
C ARG A 154 -8.96 38.63 -1.95
N ALA A 155 -10.01 37.82 -2.02
CA ALA A 155 -10.12 36.62 -1.21
C ALA A 155 -9.54 35.38 -1.88
N ALA A 156 -9.16 35.47 -3.14
CA ALA A 156 -8.62 34.33 -3.85
C ALA A 156 -7.24 33.97 -3.30
N GLY A 157 -7.04 32.69 -3.01
CA GLY A 157 -5.76 32.24 -2.47
C GLY A 157 -5.81 30.78 -2.09
N ALA A 158 -4.89 30.38 -1.23
CA ALA A 158 -4.79 29.00 -0.78
C ALA A 158 -4.01 28.96 0.52
N HIS A 159 -4.36 28.00 1.37
CA HIS A 159 -3.64 27.79 2.62
C HIS A 159 -3.84 26.34 3.07
N TRP A 160 -3.00 25.94 4.02
CA TRP A 160 -3.02 24.60 4.60
C TRP A 160 -3.62 24.70 5.99
N ASP A 161 -4.78 24.08 6.19
CA ASP A 161 -5.54 24.21 7.43
C ASP A 161 -5.13 23.18 8.49
N GLY A 162 -4.00 22.52 8.31
CA GLY A 162 -3.53 21.50 9.23
C GLY A 162 -3.67 20.08 8.74
N GLU A 163 -4.57 19.84 7.79
CA GLU A 163 -4.77 18.50 7.25
C GLU A 163 -4.93 18.45 5.73
N LYS A 164 -5.36 19.53 5.08
CA LYS A 164 -5.60 19.51 3.64
C LYS A 164 -5.43 20.91 3.08
N GLU A 165 -5.32 20.98 1.75
CA GLU A 165 -5.22 22.25 1.06
C GLU A 165 -6.60 22.86 0.88
N VAL A 166 -6.74 24.14 1.21
CA VAL A 166 -8.01 24.86 1.10
C VAL A 166 -7.84 25.92 0.02
N LEU A 167 -8.62 25.80 -1.05
CA LEU A 167 -8.52 26.68 -2.20
C LEU A 167 -9.68 27.68 -2.22
N ALA A 168 -9.36 28.92 -2.61
CA ALA A 168 -10.35 29.95 -2.89
C ALA A 168 -10.01 30.54 -4.25
N VAL A 169 -10.85 30.28 -5.24
CA VAL A 169 -10.55 30.65 -6.62
C VAL A 169 -11.62 31.62 -7.12
N GLU A 170 -11.16 32.66 -7.81
CA GLU A 170 -12.09 33.61 -8.44
C GLU A 170 -12.86 32.91 -9.56
N ARG A 171 -14.11 33.30 -9.73
CA ARG A 171 -14.96 32.70 -10.74
C ARG A 171 -14.38 32.91 -12.14
N GLY A 172 -14.26 31.84 -12.90
CA GLY A 172 -13.67 31.88 -14.22
C GLY A 172 -12.15 31.75 -14.25
N ALA A 173 -11.49 31.81 -13.10
CA ALA A 173 -10.05 31.71 -13.01
C ALA A 173 -9.62 30.25 -12.90
N PRO A 174 -8.37 29.93 -13.28
CA PRO A 174 -7.90 28.55 -13.18
C PRO A 174 -7.50 28.19 -11.76
N ALA A 175 -7.50 26.88 -11.50
CA ALA A 175 -7.13 26.35 -10.19
C ALA A 175 -6.24 25.13 -10.37
N LEU A 176 -5.37 24.91 -9.38
CA LEU A 176 -4.50 23.75 -9.34
C LEU A 176 -4.68 23.06 -8.00
N LEU A 177 -5.12 21.80 -8.03
CA LEU A 177 -5.32 21.01 -6.83
C LEU A 177 -4.16 20.02 -6.72
N THR A 178 -3.27 20.25 -5.76
CA THR A 178 -2.03 19.49 -5.68
C THR A 178 -2.28 18.08 -5.18
N CYS A 179 -1.72 17.10 -5.89
CA CYS A 179 -1.72 15.71 -5.45
C CYS A 179 -0.43 15.08 -5.95
N VAL A 180 0.49 14.82 -5.03
CA VAL A 180 1.81 14.28 -5.35
C VAL A 180 2.10 13.09 -4.45
N ASN A 181 2.49 11.98 -5.06
CA ASN A 181 2.92 10.79 -4.32
C ASN A 181 4.07 10.16 -5.09
N ARG A 182 5.28 10.31 -4.57
CA ARG A 182 6.49 9.89 -5.26
C ARG A 182 7.01 8.54 -4.80
N ALA A 183 6.23 7.81 -4.00
CA ALA A 183 6.64 6.47 -3.59
C ALA A 183 6.76 5.57 -4.82
N HIS A 184 7.74 4.65 -4.77
CA HIS A 184 8.08 3.86 -5.95
C HIS A 184 6.91 2.98 -6.39
N VAL A 185 6.04 2.59 -5.46
CA VAL A 185 4.93 1.70 -5.82
C VAL A 185 3.94 2.42 -6.73
N TRP A 186 3.87 3.75 -6.65
CA TRP A 186 2.96 4.50 -7.50
C TRP A 186 3.61 4.97 -8.79
N THR A 187 4.92 5.18 -8.80
CA THR A 187 5.61 5.65 -9.98
C THR A 187 6.10 4.47 -10.82
N ASP A 188 6.45 4.78 -12.08
CA ASP A 188 6.89 3.73 -12.99
C ASP A 188 8.21 3.10 -12.56
N ARG A 189 9.06 3.85 -11.87
CA ARG A 189 10.34 3.32 -11.43
C ARG A 189 10.14 2.21 -10.40
N HIS A 190 11.00 1.20 -10.45
CA HIS A 190 10.91 0.05 -9.55
C HIS A 190 12.13 -0.83 -9.77
N LEU A 191 12.58 -1.47 -8.70
CA LEU A 191 13.52 -2.58 -8.83
C LEU A 191 12.79 -3.80 -9.36
N GLU A 192 13.53 -4.68 -10.03
CA GLU A 192 12.93 -5.91 -10.54
C GLU A 192 12.26 -6.69 -9.41
N GLU A 193 11.03 -7.11 -9.64
CA GLU A 193 10.23 -7.71 -8.59
C GLU A 193 10.80 -9.07 -8.19
N ALA A 194 11.12 -9.22 -6.92
CA ALA A 194 11.44 -10.51 -6.34
C ALA A 194 10.21 -11.09 -5.66
N GLN A 195 10.25 -12.40 -5.44
CA GLN A 195 9.12 -13.06 -4.79
C GLN A 195 8.97 -12.56 -3.36
N GLN A 196 7.76 -12.74 -2.81
CA GLN A 196 7.52 -12.39 -1.43
C GLN A 196 8.33 -13.29 -0.51
N VAL A 197 8.85 -12.70 0.57
CA VAL A 197 9.71 -13.42 1.49
C VAL A 197 9.35 -13.03 2.93
N VAL A 198 9.48 -14.01 3.83
CA VAL A 198 9.23 -13.82 5.25
C VAL A 198 10.48 -14.25 6.01
N HIS A 199 10.92 -13.41 6.95
CA HIS A 199 12.11 -13.66 7.74
C HIS A 199 11.73 -13.74 9.21
N TRP A 200 12.12 -14.85 9.86
CA TRP A 200 12.04 -14.98 11.31
C TRP A 200 13.45 -14.86 11.89
N ASP A 201 13.60 -14.04 12.93
CA ASP A 201 14.85 -13.95 13.66
C ASP A 201 14.54 -13.80 15.14
N ARG A 202 15.59 -13.84 15.97
CA ARG A 202 15.42 -13.72 17.41
C ARG A 202 16.71 -13.20 18.02
N GLN A 203 16.60 -12.63 19.20
CA GLN A 203 17.74 -12.14 19.96
C GLN A 203 17.45 -12.32 21.44
N PRO A 204 18.48 -12.41 22.27
CA PRO A 204 18.26 -12.54 23.72
C PRO A 204 17.60 -11.30 24.30
N PRO A 205 17.02 -11.39 25.49
CA PRO A 205 16.38 -10.21 26.09
C PRO A 205 17.39 -9.12 26.37
N GLY A 206 16.98 -7.88 26.09
CA GLY A 206 17.86 -6.74 26.31
C GLY A 206 18.87 -6.51 25.21
N VAL A 207 18.54 -6.83 23.98
CA VAL A 207 19.45 -6.66 22.84
C VAL A 207 18.67 -5.97 21.72
N PRO A 208 19.24 -4.93 21.08
CA PRO A 208 18.51 -4.24 20.02
C PRO A 208 18.16 -5.16 18.86
N HIS A 209 17.17 -4.72 18.07
CA HIS A 209 16.63 -5.56 17.01
C HIS A 209 17.65 -5.83 15.91
N ASP A 210 18.50 -4.84 15.61
CA ASP A 210 19.45 -4.97 14.51
C ASP A 210 20.59 -5.94 14.82
N ARG A 211 20.60 -6.59 15.98
CA ARG A 211 21.61 -7.57 16.33
C ARG A 211 21.00 -8.96 16.52
N ALA A 212 19.88 -9.21 15.84
CA ALA A 212 19.21 -10.49 15.96
C ALA A 212 19.89 -11.57 15.12
N ASP A 213 19.67 -12.81 15.50
CA ASP A 213 20.17 -13.96 14.75
C ASP A 213 19.06 -14.52 13.87
N ARG A 214 19.40 -14.81 12.61
CA ARG A 214 18.42 -15.37 11.69
C ARG A 214 17.93 -16.72 12.21
N LEU A 215 16.64 -16.96 12.03
CA LEU A 215 15.99 -18.19 12.46
C LEU A 215 15.40 -18.99 11.31
N LEU A 216 14.71 -18.33 10.38
CA LEU A 216 14.04 -19.02 9.29
C LEU A 216 13.66 -18.07 8.16
N ASP A 217 13.93 -18.45 6.92
CA ASP A 217 13.50 -17.70 5.75
C ASP A 217 12.45 -18.50 5.00
N LEU A 218 11.42 -17.81 4.51
CA LEU A 218 10.32 -18.45 3.77
C LEU A 218 10.08 -17.66 2.50
N TYR A 219 10.21 -18.33 1.35
CA TYR A 219 10.00 -17.72 0.05
C TYR A 219 8.68 -18.20 -0.55
N ALA A 220 8.07 -17.34 -1.37
CA ALA A 220 6.75 -17.63 -1.90
C ALA A 220 6.74 -18.89 -2.77
N SER A 221 7.88 -19.24 -3.34
CA SER A 221 7.98 -20.43 -4.19
C SER A 221 7.99 -21.73 -3.39
N GLY A 222 7.87 -21.67 -2.07
CA GLY A 222 7.97 -22.85 -1.23
C GLY A 222 9.36 -23.08 -0.65
N GLU A 223 10.38 -22.47 -1.22
CA GLU A 223 11.74 -22.62 -0.71
C GLU A 223 11.86 -21.99 0.68
N ARG A 224 12.54 -22.68 1.57
CA ARG A 224 12.76 -22.20 2.93
C ARG A 224 14.21 -22.42 3.31
N ARG A 225 14.67 -21.64 4.30
CA ARG A 225 16.04 -21.75 4.80
C ARG A 225 16.02 -21.61 6.31
N ALA A 226 16.53 -22.63 7.01
CA ALA A 226 16.59 -22.65 8.46
C ALA A 226 18.01 -22.39 8.93
N TYR A 227 18.13 -21.79 10.12
CA TYR A 227 19.42 -21.46 10.71
C TYR A 227 19.49 -22.03 12.12
N GLY A 228 20.71 -22.07 12.66
CA GLY A 228 20.92 -22.48 14.02
C GLY A 228 21.41 -23.90 14.15
N PRO A 229 21.70 -24.33 15.37
CA PRO A 229 22.17 -25.70 15.60
C PRO A 229 21.03 -26.70 15.44
N PRO A 230 21.34 -27.98 15.26
CA PRO A 230 20.27 -28.98 15.10
C PRO A 230 19.28 -29.01 16.26
N PHE A 231 19.73 -28.70 17.48
CA PHE A 231 18.82 -28.69 18.62
C PHE A 231 17.73 -27.64 18.45
N LEU A 232 18.07 -26.50 17.84
CA LEU A 232 17.08 -25.45 17.65
C LEU A 232 16.17 -25.74 16.46
N ARG A 233 16.75 -26.21 15.34
CA ARG A 233 15.98 -26.40 14.12
C ARG A 233 14.90 -27.48 14.30
N ASP A 234 15.19 -28.51 15.08
CA ASP A 234 14.23 -29.60 15.28
C ASP A 234 13.01 -29.17 16.08
N ARG A 235 13.05 -28.01 16.73
CA ARG A 235 11.93 -27.53 17.54
C ARG A 235 11.24 -26.32 16.94
N VAL A 236 11.73 -25.77 15.84
CA VAL A 236 11.21 -24.56 15.23
C VAL A 236 10.76 -24.89 13.81
N ALA A 237 9.54 -24.50 13.46
CA ALA A 237 9.01 -24.80 12.14
C ALA A 237 7.84 -23.88 11.82
N VAL A 238 7.46 -23.88 10.55
CA VAL A 238 6.26 -23.20 10.07
C VAL A 238 5.49 -24.20 9.21
N GLU A 239 4.17 -24.23 9.38
CA GLU A 239 3.35 -25.18 8.65
C GLU A 239 3.49 -24.98 7.14
N ALA A 240 3.25 -26.06 6.40
CA ALA A 240 3.40 -26.03 4.95
C ALA A 240 2.34 -25.14 4.31
N ASP A 241 2.63 -24.73 3.07
CA ASP A 241 1.76 -23.85 2.30
C ASP A 241 1.45 -22.57 3.08
N ALA A 242 2.51 -21.92 3.57
CA ALA A 242 2.33 -20.69 4.33
C ALA A 242 1.82 -19.56 3.45
N PHE A 243 2.34 -19.43 2.24
CA PHE A 243 1.94 -18.36 1.34
C PHE A 243 0.60 -18.61 0.66
N ALA A 244 0.09 -19.84 0.70
CA ALA A 244 -1.23 -20.11 0.16
C ALA A 244 -2.34 -19.49 1.01
N ARG A 245 -2.10 -19.27 2.30
CA ARG A 245 -3.08 -18.68 3.19
C ARG A 245 -2.52 -17.47 3.94
N GLY A 246 -1.31 -17.03 3.64
CA GLY A 246 -0.75 -15.85 4.28
C GLY A 246 -0.50 -16.01 5.76
N ASP A 247 -0.24 -17.23 6.23
CA ASP A 247 0.01 -17.51 7.64
C ASP A 247 1.42 -18.05 7.78
N PHE A 248 2.24 -17.33 8.54
CA PHE A 248 3.65 -17.69 8.74
C PHE A 248 3.97 -17.89 10.21
N SER A 249 2.97 -18.31 10.99
CA SER A 249 3.12 -18.42 12.43
C SER A 249 4.26 -19.37 12.79
N LEU A 250 5.08 -18.94 13.75
CA LEU A 250 6.20 -19.75 14.21
C LEU A 250 5.72 -20.79 15.21
N LEU A 251 6.21 -22.01 15.04
CA LEU A 251 5.92 -23.12 15.95
C LEU A 251 7.19 -23.49 16.69
N ILE A 252 7.18 -23.35 18.02
CA ILE A 252 8.28 -23.75 18.87
C ILE A 252 7.79 -24.91 19.72
N ASP A 253 8.29 -26.11 19.43
CA ASP A 253 7.79 -27.30 20.10
C ASP A 253 8.90 -28.34 20.24
N PRO A 254 9.37 -28.62 21.46
CA PRO A 254 8.92 -27.95 22.68
C PRO A 254 9.69 -26.67 22.96
N VAL A 255 9.05 -25.73 23.68
CA VAL A 255 9.71 -24.49 24.05
C VAL A 255 10.57 -24.73 25.28
N GLU A 256 11.78 -24.20 25.26
CA GLU A 256 12.75 -24.35 26.33
C GLU A 256 13.00 -23.02 27.02
N PRO A 257 13.49 -23.04 28.27
CA PRO A 257 13.81 -21.77 28.94
C PRO A 257 14.82 -20.93 28.19
N ALA A 258 15.72 -21.55 27.41
CA ALA A 258 16.70 -20.79 26.64
C ALA A 258 16.06 -20.03 25.48
N ASP A 259 14.84 -20.40 25.08
CA ASP A 259 14.15 -19.71 23.99
C ASP A 259 13.64 -18.34 24.39
N GLU A 260 13.76 -17.95 25.66
CA GLU A 260 13.29 -16.65 26.10
C GLU A 260 14.05 -15.54 25.38
N GLY A 261 13.31 -14.60 24.81
CA GLY A 261 13.91 -13.51 24.08
C GLY A 261 12.89 -12.84 23.18
N THR A 262 13.41 -11.99 22.29
CA THR A 262 12.59 -11.22 21.37
C THR A 262 12.63 -11.86 19.99
N TYR A 263 11.46 -12.18 19.46
CA TYR A 263 11.32 -12.78 18.14
C TYR A 263 10.67 -11.78 17.20
N SER A 264 11.09 -11.81 15.93
CA SER A 264 10.57 -10.90 14.93
C SER A 264 10.20 -11.67 13.66
N CYS A 265 9.02 -11.35 13.13
CA CYS A 265 8.54 -11.90 11.86
C CYS A 265 8.49 -10.75 10.86
N HIS A 266 9.41 -10.76 9.89
CA HIS A 266 9.50 -9.72 8.89
C HIS A 266 8.76 -10.14 7.63
N LEU A 267 7.76 -9.35 7.23
CA LEU A 267 7.01 -9.58 6.00
C LEU A 267 7.51 -8.60 4.95
N HIS A 268 7.99 -9.14 3.83
CA HIS A 268 8.62 -8.33 2.78
C HIS A 268 7.96 -8.59 1.44
N HIS A 269 7.47 -7.53 0.80
CA HIS A 269 7.11 -7.52 -0.62
C HIS A 269 7.55 -6.14 -1.13
N HIS A 270 8.84 -6.05 -1.47
CA HIS A 270 9.44 -4.75 -1.74
C HIS A 270 8.78 -4.05 -2.92
N TYR A 271 8.36 -4.82 -3.94
CA TYR A 271 7.72 -4.23 -5.10
C TYR A 271 6.44 -3.49 -4.73
N CYS A 272 5.76 -3.94 -3.67
CA CYS A 272 4.53 -3.30 -3.22
C CYS A 272 4.75 -2.40 -2.00
N GLY A 273 6.01 -2.08 -1.68
CA GLY A 273 6.28 -1.27 -0.51
C GLY A 273 5.89 -1.89 0.80
N LEU A 274 5.78 -3.22 0.86
CA LEU A 274 5.34 -3.93 2.06
C LEU A 274 6.57 -4.33 2.86
N HIS A 275 6.74 -3.72 4.04
CA HIS A 275 7.83 -4.05 4.95
C HIS A 275 7.28 -3.91 6.38
N GLU A 276 6.72 -4.99 6.89
CA GLU A 276 6.11 -5.01 8.22
C GLU A 276 6.83 -6.00 9.11
N ARG A 277 6.71 -5.81 10.43
CA ARG A 277 7.38 -6.66 11.40
C ARG A 277 6.45 -6.95 12.56
N ARG A 278 6.29 -8.22 12.88
CA ARG A 278 5.60 -8.67 14.08
C ARG A 278 6.66 -9.02 15.13
N VAL A 279 6.56 -8.39 16.30
CA VAL A 279 7.53 -8.55 17.38
C VAL A 279 6.91 -9.34 18.51
N PHE A 280 7.66 -10.30 19.04
CA PHE A 280 7.20 -11.16 20.13
C PHE A 280 8.26 -11.19 21.22
N HIS A 281 7.90 -10.69 22.40
CA HIS A 281 8.75 -10.82 23.58
C HIS A 281 8.32 -12.09 24.31
N LEU A 282 9.07 -13.17 24.08
CA LEU A 282 8.69 -14.48 24.57
C LEU A 282 9.26 -14.72 25.96
N ARG A 283 8.39 -15.10 26.89
CA ARG A 283 8.80 -15.47 28.24
C ARG A 283 8.47 -16.93 28.48
N VAL A 284 9.36 -17.63 29.18
CA VAL A 284 9.21 -19.05 29.47
C VAL A 284 9.15 -19.22 30.99
N THR A 285 8.04 -19.78 31.47
CA THR A 285 7.84 -19.97 32.90
C THR A 285 8.35 -21.34 33.32
N GLU A 286 7.98 -21.77 34.52
CA GLU A 286 8.44 -23.03 35.12
C GLU A 286 9.97 -23.06 35.23
N1 EPE B . -1.51 19.12 -21.44
C2 EPE B . -1.18 20.55 -21.55
C3 EPE B . -0.33 21.02 -20.39
N4 EPE B . -0.84 20.57 -19.11
C5 EPE B . -1.29 19.20 -18.99
C6 EPE B . -2.19 18.83 -20.17
C7 EPE B . -0.50 21.30 -17.90
C8 EPE B . -1.21 20.73 -16.67
O8 EPE B . -1.00 21.58 -15.56
C9 EPE B . -2.42 18.75 -22.53
C10 EPE B . -1.75 17.75 -23.47
S EPE B . -2.98 16.72 -24.30
O1S EPE B . -2.40 16.16 -25.52
O2S EPE B . -4.14 17.52 -24.64
O3S EPE B . -3.39 15.64 -23.41
CL CL C . -10.45 -6.87 -29.04
CL CL D . -20.19 29.95 -12.56
CL CL E . 4.94 -22.12 1.85
#